data_4ZLP
#
_entry.id   4ZLP
#
_cell.length_a   122.482
_cell.length_b   64.310
_cell.length_c   83.089
_cell.angle_alpha   90.00
_cell.angle_beta   105.23
_cell.angle_gamma   90.00
#
_symmetry.space_group_name_H-M   'C 1 2 1'
#
loop_
_entity.id
_entity.type
_entity.pdbx_description
1 polymer 'Neurogenic locus notch homolog protein 3'
2 branched alpha-D-mannopyranose-(1-6)-alpha-D-mannopyranose-(1-4)-2-acetamido-2-deoxy-beta-D-glucopyranose-(1-4)-2-acetamido-2-deoxy-beta-D-glucopyranose
3 non-polymer 'CALCIUM ION'
4 non-polymer GLYCEROL
5 non-polymer 'ACETATE ION'
6 non-polymer 2-acetamido-2-deoxy-beta-D-glucopyranose
7 water water
#
_entity_poly.entity_id   1
_entity_poly.type   'polypeptide(L)'
_entity_poly.pdbx_seq_one_letter_code
;APEVSEEPRCPRAACQAKRGDQRCDRECNSPGCGWDGGDCSLSVGDPWRQCEALQCWRLFNNSRCDPACSSPACLYDNFD
CHAGGRERTCNPVYEKYCADHFADGRCDQGCNTEECGWDGLDCASEVPALLARGVLVLTVLLPPEELLRSSADFLQRLSA
ILRTSLRFRLDAHGQAMVFPYHRPSPGSEPRARRELAPEVIGSVVMLEIDNRLCLQSPENDHCFPDAQSAADYLGALSAV
ERLDFPYPLRDVRGEPLEPPEPSGSHHHHHH
;
_entity_poly.pdbx_strand_id   A,B
#
loop_
_chem_comp.id
_chem_comp.type
_chem_comp.name
_chem_comp.formula
ACT non-polymer 'ACETATE ION' 'C2 H3 O2 -1'
CA non-polymer 'CALCIUM ION' 'Ca 2'
GOL non-polymer GLYCEROL 'C3 H8 O3'
MAN D-saccharide, alpha linking alpha-D-mannopyranose 'C6 H12 O6'
NAG D-saccharide, beta linking 2-acetamido-2-deoxy-beta-D-glucopyranose 'C8 H15 N O6'
#
# COMPACT_ATOMS: atom_id res chain seq x y z
N PRO A 8 -30.73 38.08 13.98
CA PRO A 8 -30.72 36.61 13.95
C PRO A 8 -30.46 36.09 12.54
N ARG A 9 -29.19 35.76 12.29
CA ARG A 9 -28.75 35.25 10.99
C ARG A 9 -29.27 33.85 10.71
N CYS A 10 -29.95 33.25 11.69
CA CYS A 10 -30.52 31.93 11.48
C CYS A 10 -32.02 32.03 11.36
N PRO A 11 -32.53 32.05 10.12
CA PRO A 11 -33.96 32.28 9.88
C PRO A 11 -34.85 31.10 10.28
N ARG A 12 -34.33 29.88 10.34
CA ARG A 12 -35.18 28.74 10.74
C ARG A 12 -35.31 28.65 12.24
N ALA A 13 -36.54 28.80 12.73
CA ALA A 13 -36.84 28.79 14.16
C ALA A 13 -36.49 27.45 14.80
N ALA A 14 -36.88 26.36 14.16
CA ALA A 14 -36.68 25.02 14.70
C ALA A 14 -35.19 24.67 14.90
N CYS A 15 -34.30 25.51 14.37
CA CYS A 15 -32.87 25.29 14.49
C CYS A 15 -32.33 25.66 15.85
N GLN A 16 -32.98 26.60 16.52
CA GLN A 16 -32.50 27.07 17.81
C GLN A 16 -32.51 25.95 18.85
N ALA A 17 -33.58 25.15 18.83
CA ALA A 17 -33.74 24.02 19.73
C ALA A 17 -32.79 22.86 19.43
N LYS A 18 -32.11 22.91 18.30
CA LYS A 18 -31.38 21.75 17.87
C LYS A 18 -29.88 21.98 17.75
N ARG A 19 -29.39 23.15 18.15
CA ARG A 19 -27.95 23.35 18.07
C ARG A 19 -27.27 22.77 19.30
N GLY A 20 -26.25 21.93 19.07
CA GLY A 20 -25.52 21.29 20.14
C GLY A 20 -26.16 20.03 20.71
N ASP A 21 -27.21 19.53 20.08
CA ASP A 21 -27.88 18.30 20.55
C ASP A 21 -27.10 17.02 20.23
N GLN A 22 -25.85 17.20 19.80
CA GLN A 22 -25.00 16.09 19.33
C GLN A 22 -25.54 15.35 18.12
N ARG A 23 -26.16 16.08 17.21
CA ARG A 23 -26.67 15.48 15.99
C ARG A 23 -26.67 16.53 14.89
N CYS A 24 -25.97 16.25 13.81
CA CYS A 24 -25.95 17.16 12.67
C CYS A 24 -27.33 17.23 12.02
N ASP A 25 -27.90 18.43 11.95
CA ASP A 25 -29.21 18.66 11.35
C ASP A 25 -28.96 19.50 10.10
N ARG A 26 -29.11 18.85 8.95
CA ARG A 26 -28.70 19.41 7.68
C ARG A 26 -29.49 20.66 7.28
N GLU A 27 -30.72 20.79 7.78
CA GLU A 27 -31.51 22.01 7.57
C GLU A 27 -30.84 23.23 8.26
N CYS A 28 -29.95 22.96 9.22
CA CYS A 28 -29.28 24.02 9.98
C CYS A 28 -27.81 24.15 9.66
N ASN A 29 -27.33 23.37 8.70
CA ASN A 29 -25.91 23.35 8.38
C ASN A 29 -25.49 24.49 7.41
N SER A 30 -25.45 25.71 7.94
CA SER A 30 -25.12 26.90 7.16
C SER A 30 -24.32 27.88 8.02
N PRO A 31 -23.61 28.83 7.39
CA PRO A 31 -22.86 29.81 8.20
C PRO A 31 -23.75 30.59 9.15
N GLY A 32 -24.93 30.98 8.68
CA GLY A 32 -25.88 31.75 9.48
C GLY A 32 -26.40 31.00 10.68
N CYS A 33 -26.33 29.68 10.64
CA CYS A 33 -26.84 28.88 11.72
C CYS A 33 -25.68 28.23 12.44
N GLY A 34 -24.48 28.76 12.20
CA GLY A 34 -23.28 28.28 12.86
C GLY A 34 -22.98 26.80 12.64
N TRP A 35 -23.33 26.29 11.45
CA TRP A 35 -23.17 24.88 11.15
C TRP A 35 -23.88 24.03 12.22
N ASP A 36 -25.16 24.31 12.45
CA ASP A 36 -26.02 23.62 13.41
C ASP A 36 -25.40 23.72 14.81
N GLY A 37 -25.00 24.93 15.17
CA GLY A 37 -24.35 25.14 16.46
C GLY A 37 -23.08 24.35 16.65
N GLY A 38 -22.42 24.01 15.53
CA GLY A 38 -21.20 23.24 15.54
C GLY A 38 -21.38 21.74 15.45
N ASP A 39 -22.63 21.30 15.41
CA ASP A 39 -22.97 19.88 15.32
C ASP A 39 -22.48 19.27 14.00
N CYS A 40 -22.31 20.10 12.97
CA CYS A 40 -21.91 19.60 11.66
C CYS A 40 -20.46 19.96 11.31
N SER A 41 -19.82 20.74 12.17
CA SER A 41 -18.46 21.18 11.91
C SER A 41 -17.49 20.74 13.01
N LEU A 42 -17.75 19.58 13.61
CA LEU A 42 -16.90 19.07 14.66
C LEU A 42 -16.66 20.12 15.77
N SER A 43 -17.72 20.87 16.09
CA SER A 43 -17.76 21.90 17.15
C SER A 43 -16.99 23.16 16.81
N VAL A 44 -16.46 23.26 15.60
CA VAL A 44 -15.75 24.47 15.22
C VAL A 44 -16.77 25.54 14.84
N GLY A 45 -16.80 26.63 15.61
CA GLY A 45 -17.79 27.69 15.42
C GLY A 45 -17.83 28.25 14.02
N ASP A 46 -16.69 28.73 13.54
CA ASP A 46 -16.59 29.21 12.17
C ASP A 46 -15.19 28.87 11.63
N PRO A 47 -15.10 27.80 10.82
CA PRO A 47 -13.81 27.36 10.26
C PRO A 47 -13.16 28.43 9.39
N TRP A 48 -13.99 29.30 8.79
CA TRP A 48 -13.51 30.36 7.92
C TRP A 48 -13.43 31.72 8.64
N ARG A 49 -13.28 31.70 9.95
CA ARG A 49 -13.25 32.94 10.75
C ARG A 49 -12.19 33.94 10.28
N GLN A 50 -11.02 33.44 9.88
CA GLN A 50 -9.92 34.32 9.52
C GLN A 50 -9.80 34.60 8.01
N CYS A 51 -10.65 33.95 7.21
CA CYS A 51 -10.55 34.03 5.78
C CYS A 51 -10.89 35.42 5.27
N GLU A 52 -9.99 36.00 4.48
CA GLU A 52 -10.14 37.37 4.00
C GLU A 52 -11.05 37.48 2.77
N ALA A 53 -11.65 36.39 2.34
CA ALA A 53 -12.49 36.47 1.16
C ALA A 53 -13.79 35.73 1.43
N LEU A 54 -14.91 36.35 1.10
CA LEU A 54 -16.21 35.84 1.57
C LEU A 54 -16.71 34.67 0.75
N GLN A 55 -16.22 34.54 -0.48
CA GLN A 55 -16.77 33.54 -1.37
C GLN A 55 -16.14 32.17 -1.16
N CYS A 56 -15.15 32.08 -0.29
CA CYS A 56 -14.28 30.92 -0.29
C CYS A 56 -14.92 29.66 0.26
N TRP A 57 -15.75 29.75 1.28
CA TRP A 57 -16.36 28.54 1.80
C TRP A 57 -17.25 27.84 0.77
N ARG A 58 -17.69 28.59 -0.23
CA ARG A 58 -18.54 28.07 -1.29
C ARG A 58 -17.68 27.37 -2.38
N LEU A 59 -16.38 27.66 -2.38
CA LEU A 59 -15.47 27.12 -3.39
C LEU A 59 -14.53 26.04 -2.80
N PHE A 60 -14.65 25.78 -1.51
CA PHE A 60 -13.83 24.82 -0.78
C PHE A 60 -14.01 23.38 -1.29
N ASN A 61 -15.23 23.04 -1.71
CA ASN A 61 -15.58 21.65 -1.98
C ASN A 61 -15.58 21.27 -3.46
N ASN A 62 -15.08 22.13 -4.34
CA ASN A 62 -15.29 21.91 -5.77
C ASN A 62 -14.16 21.13 -6.46
N SER A 63 -13.14 20.71 -5.70
CA SER A 63 -11.98 20.01 -6.26
C SER A 63 -11.31 20.75 -7.40
N ARG A 64 -11.34 22.06 -7.32
CA ARG A 64 -10.75 22.95 -8.32
C ARG A 64 -10.00 24.08 -7.64
N CYS A 65 -8.85 24.46 -8.19
CA CYS A 65 -8.04 25.51 -7.61
C CYS A 65 -8.74 26.88 -7.74
N ASP A 66 -8.97 27.53 -6.61
CA ASP A 66 -9.45 28.93 -6.59
C ASP A 66 -8.40 29.76 -5.88
N PRO A 67 -7.47 30.34 -6.65
CA PRO A 67 -6.27 31.02 -6.14
C PRO A 67 -6.55 32.06 -5.07
N ALA A 68 -7.67 32.76 -5.16
CA ALA A 68 -8.00 33.80 -4.17
C ALA A 68 -8.41 33.23 -2.82
N CYS A 69 -8.50 31.90 -2.73
CA CYS A 69 -8.90 31.21 -1.51
C CYS A 69 -7.81 30.26 -1.00
N SER A 70 -6.59 30.41 -1.50
CA SER A 70 -5.54 29.43 -1.19
C SER A 70 -4.67 29.82 0.02
N SER A 71 -4.96 30.94 0.68
CA SER A 71 -4.20 31.32 1.89
C SER A 71 -4.46 30.37 3.07
N PRO A 72 -3.53 30.36 4.03
CA PRO A 72 -3.78 29.55 5.24
C PRO A 72 -5.12 29.87 5.90
N ALA A 73 -5.41 31.17 6.05
CA ALA A 73 -6.62 31.61 6.75
C ALA A 73 -7.86 31.15 6.02
N CYS A 74 -7.72 30.90 4.72
CA CYS A 74 -8.84 30.39 3.94
C CYS A 74 -8.74 28.89 3.76
N LEU A 75 -7.98 28.26 4.65
CA LEU A 75 -7.88 26.80 4.70
C LEU A 75 -7.37 26.19 3.38
N TYR A 76 -6.55 26.96 2.67
CA TYR A 76 -5.84 26.47 1.49
C TYR A 76 -6.74 25.95 0.37
N ASP A 77 -8.00 26.37 0.37
CA ASP A 77 -8.98 25.91 -0.62
C ASP A 77 -9.02 24.38 -0.64
N ASN A 78 -8.97 23.75 0.53
CA ASN A 78 -8.95 22.29 0.62
C ASN A 78 -7.80 21.68 -0.18
N PHE A 79 -6.67 22.39 -0.20
CA PHE A 79 -5.49 22.00 -0.98
C PHE A 79 -5.75 21.88 -2.48
N ASP A 80 -6.82 22.51 -2.98
CA ASP A 80 -7.14 22.43 -4.41
C ASP A 80 -6.03 23.05 -5.25
N CYS A 81 -5.28 23.99 -4.69
CA CYS A 81 -4.22 24.66 -5.45
C CYS A 81 -2.82 24.10 -5.19
N HIS A 82 -2.68 23.18 -4.24
CA HIS A 82 -1.33 22.64 -3.95
C HIS A 82 -1.16 21.18 -4.36
N ALA A 83 -2.25 20.46 -4.56
CA ALA A 83 -2.21 19.06 -4.91
C ALA A 83 -3.22 18.70 -6.00
N GLY A 84 -2.73 18.31 -7.16
CA GLY A 84 -3.64 17.89 -8.21
C GLY A 84 -3.48 16.46 -8.65
N GLY A 85 -4.44 15.95 -9.40
CA GLY A 85 -4.35 14.60 -9.95
C GLY A 85 -4.24 13.51 -8.89
N ARG A 86 -3.33 12.57 -9.13
CA ARG A 86 -3.16 11.42 -8.27
C ARG A 86 -2.57 11.77 -6.91
N GLU A 87 -2.03 12.98 -6.79
CA GLU A 87 -1.38 13.39 -5.55
C GLU A 87 -2.37 13.93 -4.55
N ARG A 88 -3.64 13.94 -4.90
CA ARG A 88 -4.60 14.55 -4.00
C ARG A 88 -5.11 13.54 -2.98
N THR A 89 -5.14 12.27 -3.35
CA THR A 89 -5.58 11.23 -2.44
C THR A 89 -4.62 10.07 -2.45
N CYS A 90 -4.53 9.35 -1.33
CA CYS A 90 -3.77 8.12 -1.33
C CYS A 90 -4.57 7.13 -2.18
N ASN A 91 -3.89 6.48 -3.12
CA ASN A 91 -4.51 5.49 -4.00
C ASN A 91 -5.26 4.45 -3.17
N PRO A 92 -6.58 4.34 -3.36
CA PRO A 92 -7.43 3.40 -2.61
C PRO A 92 -6.86 1.98 -2.63
N VAL A 93 -6.17 1.63 -3.71
CA VAL A 93 -5.53 0.35 -3.87
C VAL A 93 -4.33 0.16 -2.91
N TYR A 94 -3.68 1.25 -2.52
CA TYR A 94 -2.49 1.14 -1.68
C TYR A 94 -2.78 1.46 -0.22
N GLU A 95 -3.99 1.97 0.05
CA GLU A 95 -4.35 2.51 1.36
C GLU A 95 -4.19 1.48 2.49
N LYS A 96 -4.68 0.27 2.27
CA LYS A 96 -4.62 -0.75 3.31
C LYS A 96 -3.16 -1.07 3.64
N TYR A 97 -2.33 -1.19 2.61
CA TYR A 97 -0.90 -1.40 2.82
C TYR A 97 -0.27 -0.23 3.61
N CYS A 98 -0.55 1.00 3.19
CA CYS A 98 0.02 2.16 3.88
C CYS A 98 -0.40 2.27 5.35
N ALA A 99 -1.67 1.98 5.61
CA ALA A 99 -2.18 2.01 6.98
C ALA A 99 -1.46 0.97 7.84
N ASP A 100 -1.23 -0.21 7.29
CA ASP A 100 -0.56 -1.29 8.02
C ASP A 100 0.94 -1.08 8.22
N HIS A 101 1.58 -0.32 7.32
CA HIS A 101 3.04 -0.15 7.42
C HIS A 101 3.45 1.22 7.95
N PHE A 102 2.46 1.98 8.40
CA PHE A 102 2.63 3.30 8.99
C PHE A 102 3.39 3.18 10.32
N ALA A 103 4.49 3.92 10.44
CA ALA A 103 5.32 3.96 11.67
C ALA A 103 5.69 2.57 12.17
N ASP A 104 6.14 1.71 11.26
CA ASP A 104 6.58 0.38 11.67
C ASP A 104 8.09 0.32 11.74
N GLY A 105 8.75 1.46 11.56
CA GLY A 105 10.18 1.52 11.74
C GLY A 105 10.96 1.11 10.51
N ARG A 106 10.25 0.85 9.41
CA ARG A 106 10.90 0.49 8.15
C ARG A 106 10.35 1.37 7.04
N CYS A 107 11.24 1.91 6.22
CA CYS A 107 10.83 2.89 5.24
C CYS A 107 10.12 2.25 4.04
N ASP A 108 8.92 2.73 3.77
CA ASP A 108 8.15 2.34 2.58
C ASP A 108 7.93 3.54 1.68
N GLN A 109 8.80 3.69 0.68
CA GLN A 109 8.78 4.89 -0.16
C GLN A 109 7.45 5.08 -0.89
N GLY A 110 6.74 3.98 -1.19
CA GLY A 110 5.48 4.06 -1.91
C GLY A 110 4.38 4.73 -1.10
N CYS A 111 4.59 4.79 0.21
CA CYS A 111 3.66 5.47 1.11
C CYS A 111 4.27 6.79 1.58
N ASN A 112 5.49 7.08 1.13
CA ASN A 112 6.24 8.23 1.60
C ASN A 112 5.81 9.53 0.88
N THR A 113 4.53 9.89 1.03
CA THR A 113 3.98 11.10 0.43
C THR A 113 3.04 11.77 1.42
N GLU A 114 2.76 13.05 1.22
CA GLU A 114 1.89 13.71 2.19
C GLU A 114 0.43 13.21 2.10
N GLU A 115 0.01 12.75 0.92
CA GLU A 115 -1.37 12.24 0.75
C GLU A 115 -1.60 10.82 1.29
N CYS A 116 -0.52 10.11 1.62
CA CYS A 116 -0.62 8.77 2.19
C CYS A 116 -0.15 8.73 3.66
N GLY A 117 0.32 9.86 4.18
CA GLY A 117 0.70 9.91 5.59
C GLY A 117 2.19 9.83 5.89
N TRP A 118 3.05 10.04 4.90
CA TRP A 118 4.50 10.03 5.10
C TRP A 118 5.08 8.78 5.79
N ASP A 119 4.39 7.65 5.66
CA ASP A 119 4.81 6.39 6.26
C ASP A 119 5.12 6.52 7.74
N GLY A 120 4.43 7.45 8.40
CA GLY A 120 4.62 7.62 9.84
C GLY A 120 6.03 8.05 10.18
N LEU A 121 6.68 8.73 9.24
CA LEU A 121 8.04 9.25 9.36
C LEU A 121 9.09 8.17 9.40
N ASP A 122 8.76 6.98 8.92
CA ASP A 122 9.72 5.90 8.87
C ASP A 122 10.90 6.25 7.98
N CYS A 123 10.68 7.15 7.03
CA CYS A 123 11.71 7.52 6.07
C CYS A 123 12.41 8.83 6.44
N ALA A 124 11.96 9.49 7.49
CA ALA A 124 12.50 10.80 7.85
C ALA A 124 12.71 10.92 9.35
N SER A 125 13.10 9.81 9.98
CA SER A 125 13.20 9.74 11.42
C SER A 125 14.38 10.51 12.03
N GLU A 126 15.39 10.82 11.22
CA GLU A 126 16.56 11.58 11.69
C GLU A 126 16.38 13.10 11.46
N VAL A 127 15.30 13.48 10.80
CA VAL A 127 14.98 14.87 10.60
C VAL A 127 14.37 15.37 11.90
N PRO A 128 14.93 16.45 12.46
CA PRO A 128 14.41 16.97 13.74
C PRO A 128 12.91 17.28 13.70
N ALA A 129 12.22 16.94 14.78
CA ALA A 129 10.81 17.25 14.92
C ALA A 129 10.56 18.76 14.75
N LEU A 130 9.44 19.08 14.13
CA LEU A 130 9.07 20.46 13.90
C LEU A 130 7.57 20.59 14.18
N LEU A 131 7.25 20.75 15.45
CA LEU A 131 5.88 20.70 15.92
C LEU A 131 5.13 21.99 15.67
N ALA A 132 3.88 21.89 15.24
CA ALA A 132 3.03 23.06 15.18
C ALA A 132 2.72 23.47 16.60
N ARG A 133 2.41 24.75 16.81
CA ARG A 133 2.06 25.26 18.14
C ARG A 133 0.80 24.59 18.69
N GLY A 134 0.84 24.24 19.96
CA GLY A 134 -0.33 23.76 20.67
C GLY A 134 -0.60 22.28 20.47
N VAL A 135 -1.75 21.82 20.95
CA VAL A 135 -2.09 20.41 20.86
C VAL A 135 -3.48 20.23 20.22
N LEU A 136 -3.58 19.31 19.27
CA LEU A 136 -4.84 18.99 18.62
C LEU A 136 -5.60 17.99 19.49
N VAL A 137 -6.80 18.37 19.92
CA VAL A 137 -7.57 17.53 20.85
C VAL A 137 -8.81 16.98 20.13
N LEU A 138 -8.91 15.64 20.06
CA LEU A 138 -10.04 15.02 19.36
C LEU A 138 -10.86 14.17 20.30
N THR A 139 -12.19 14.22 20.13
CA THR A 139 -13.06 13.31 20.85
C THR A 139 -13.62 12.29 19.87
N VAL A 140 -13.30 11.03 20.13
CA VAL A 140 -13.64 9.92 19.25
C VAL A 140 -14.50 8.94 20.02
N LEU A 141 -15.62 8.51 19.46
CA LEU A 141 -16.50 7.64 20.24
C LEU A 141 -16.03 6.18 20.27
N LEU A 142 -14.77 5.99 20.64
CA LEU A 142 -14.21 4.66 20.89
C LEU A 142 -13.42 4.76 22.18
N PRO A 143 -13.59 3.78 23.08
CA PRO A 143 -12.84 3.75 24.34
C PRO A 143 -11.34 3.63 24.06
N PRO A 144 -10.50 4.14 24.98
CA PRO A 144 -9.05 4.25 24.76
C PRO A 144 -8.38 2.96 24.30
N GLU A 145 -8.71 1.83 24.91
CA GLU A 145 -8.08 0.57 24.54
C GLU A 145 -8.38 0.19 23.09
N GLU A 146 -9.62 0.42 22.66
CA GLU A 146 -10.03 0.07 21.31
C GLU A 146 -9.42 1.03 20.29
N LEU A 147 -9.33 2.31 20.68
CA LEU A 147 -8.72 3.32 19.82
C LEU A 147 -7.26 3.01 19.57
N LEU A 148 -6.53 2.66 20.63
CA LEU A 148 -5.10 2.38 20.50
C LEU A 148 -4.84 1.08 19.76
N ARG A 149 -5.83 0.19 19.73
CA ARG A 149 -5.67 -1.09 19.07
C ARG A 149 -5.56 -0.92 17.56
N SER A 150 -5.96 0.25 17.07
CA SER A 150 -5.81 0.55 15.65
C SER A 150 -5.24 1.96 15.46
N SER A 151 -4.20 2.25 16.24
CA SER A 151 -3.54 3.55 16.22
C SER A 151 -2.85 3.82 14.89
N ALA A 152 -2.29 2.79 14.26
CA ALA A 152 -1.61 3.00 12.97
C ALA A 152 -2.61 3.46 11.89
N ASP A 153 -3.74 2.75 11.76
CA ASP A 153 -4.78 3.12 10.81
C ASP A 153 -5.35 4.51 11.08
N PHE A 154 -5.61 4.80 12.36
CA PHE A 154 -6.17 6.07 12.77
C PHE A 154 -5.22 7.23 12.41
N LEU A 155 -3.95 7.09 12.77
CA LEU A 155 -2.95 8.14 12.53
C LEU A 155 -2.56 8.26 11.06
N GLN A 156 -2.50 7.13 10.36
CA GLN A 156 -2.21 7.18 8.92
C GLN A 156 -3.31 7.93 8.17
N ARG A 157 -4.56 7.60 8.45
CA ARG A 157 -5.69 8.23 7.76
C ARG A 157 -5.80 9.71 8.11
N LEU A 158 -5.57 10.05 9.37
CA LEU A 158 -5.63 11.44 9.81
C LEU A 158 -4.45 12.25 9.28
N SER A 159 -3.28 11.61 9.19
CA SER A 159 -2.13 12.26 8.58
C SER A 159 -2.39 12.51 7.10
N ALA A 160 -2.97 11.52 6.43
CA ALA A 160 -3.26 11.67 5.01
C ALA A 160 -4.20 12.86 4.78
N ILE A 161 -5.22 13.00 5.64
CA ILE A 161 -6.20 14.06 5.51
C ILE A 161 -5.59 15.43 5.71
N LEU A 162 -4.73 15.56 6.71
CA LEU A 162 -4.10 16.84 7.02
C LEU A 162 -2.83 17.08 6.19
N ARG A 163 -2.40 16.06 5.44
CA ARG A 163 -1.19 16.12 4.60
C ARG A 163 0.06 16.56 5.38
N THR A 164 0.19 16.02 6.59
CA THR A 164 1.35 16.25 7.43
C THR A 164 1.36 15.12 8.44
N SER A 165 2.34 15.10 9.35
CA SER A 165 2.51 13.93 10.21
C SER A 165 1.86 14.13 11.56
N LEU A 166 1.03 13.18 11.94
CA LEU A 166 0.33 13.22 13.23
C LEU A 166 0.74 12.04 14.10
N ARG A 167 0.80 12.28 15.40
CA ARG A 167 1.04 11.20 16.36
C ARG A 167 0.51 11.55 17.73
N PHE A 168 0.26 10.51 18.51
CA PHE A 168 -0.17 10.70 19.89
C PHE A 168 0.88 11.47 20.64
N ARG A 169 0.42 12.45 21.43
CA ARG A 169 1.32 13.13 22.32
C ARG A 169 1.54 12.17 23.50
N LEU A 170 2.79 12.09 23.97
CA LEU A 170 3.17 11.14 25.01
C LEU A 170 3.45 11.85 26.32
N ASP A 171 3.24 11.17 27.44
CA ASP A 171 3.61 11.78 28.72
C ASP A 171 5.05 11.39 29.06
N ALA A 172 5.50 11.75 30.25
CA ALA A 172 6.88 11.49 30.67
C ALA A 172 7.21 9.99 30.82
N HIS A 173 6.20 9.14 30.92
CA HIS A 173 6.47 7.71 31.05
C HIS A 173 6.21 6.99 29.73
N GLY A 174 6.15 7.74 28.64
CA GLY A 174 5.96 7.19 27.30
C GLY A 174 4.55 6.69 26.98
N GLN A 175 3.58 7.07 27.80
CA GLN A 175 2.21 6.64 27.58
C GLN A 175 1.43 7.64 26.73
N ALA A 176 0.61 7.12 25.82
CA ALA A 176 -0.21 7.96 24.97
C ALA A 176 -1.19 8.80 25.78
N MET A 177 -1.29 10.08 25.45
CA MET A 177 -2.23 10.94 26.13
C MET A 177 -3.61 10.77 25.49
N VAL A 178 -4.20 9.61 25.78
CA VAL A 178 -5.53 9.25 25.36
C VAL A 178 -6.37 8.97 26.61
N PHE A 179 -7.37 9.80 26.88
CA PHE A 179 -8.11 9.72 28.14
C PHE A 179 -9.55 9.28 27.88
N PRO A 180 -10.13 8.56 28.85
CA PRO A 180 -11.53 8.10 28.70
C PRO A 180 -12.52 9.26 28.60
N TYR A 181 -13.55 9.08 27.77
CA TYR A 181 -14.59 10.09 27.60
C TYR A 181 -15.91 9.57 28.14
N HIS A 182 -16.54 10.36 29.00
CA HIS A 182 -17.75 9.93 29.67
C HIS A 182 -18.99 10.58 29.05
N ARG A 183 -20.09 9.85 29.02
CA ARG A 183 -21.36 10.38 28.54
C ARG A 183 -21.80 11.58 29.38
N PRO A 184 -21.93 12.76 28.74
CA PRO A 184 -22.29 14.02 29.39
C PRO A 184 -23.58 13.96 30.18
N SER A 185 -23.87 15.00 30.96
CA SER A 185 -25.06 15.03 31.81
C SER A 185 -26.34 14.90 30.97
N PRO A 198 -20.16 8.61 34.61
CA PRO A 198 -20.73 7.30 34.29
C PRO A 198 -19.79 6.44 33.43
N GLU A 199 -20.36 5.76 32.43
CA GLU A 199 -19.61 4.82 31.58
C GLU A 199 -18.71 5.53 30.57
N VAL A 200 -17.67 4.81 30.14
CA VAL A 200 -16.73 5.30 29.15
C VAL A 200 -17.27 5.09 27.74
N ILE A 201 -17.56 6.19 27.06
CA ILE A 201 -18.19 6.19 25.74
C ILE A 201 -17.20 6.36 24.59
N GLY A 202 -16.08 7.05 24.87
CA GLY A 202 -15.09 7.29 23.85
C GLY A 202 -13.75 7.70 24.43
N SER A 203 -12.98 8.45 23.65
CA SER A 203 -11.65 8.87 24.05
C SER A 203 -11.41 10.35 23.78
N VAL A 204 -10.71 11.00 24.68
CA VAL A 204 -10.19 12.34 24.43
C VAL A 204 -8.74 12.17 24.05
N VAL A 205 -8.43 12.54 22.81
CA VAL A 205 -7.16 12.28 22.18
C VAL A 205 -6.32 13.53 21.99
N MET A 206 -5.09 13.48 22.43
CA MET A 206 -4.18 14.60 22.24
C MET A 206 -3.08 14.23 21.27
N LEU A 207 -2.92 15.05 20.25
CA LEU A 207 -2.00 14.74 19.15
C LEU A 207 -0.99 15.83 18.93
N GLU A 208 0.17 15.44 18.40
CA GLU A 208 1.16 16.40 17.94
C GLU A 208 1.08 16.48 16.43
N ILE A 209 1.36 17.66 15.91
CA ILE A 209 1.42 17.89 14.48
C ILE A 209 2.88 18.18 14.13
N ASP A 210 3.53 17.21 13.49
CA ASP A 210 4.94 17.35 13.12
C ASP A 210 5.08 17.79 11.65
N ASN A 211 5.46 19.04 11.48
CA ASN A 211 5.59 19.66 10.16
C ASN A 211 7.02 19.62 9.61
N ARG A 212 7.79 18.61 9.96
CA ARG A 212 9.20 18.59 9.57
C ARG A 212 9.43 18.43 8.04
N LEU A 213 8.41 17.98 7.32
CA LEU A 213 8.51 17.76 5.88
C LEU A 213 7.78 18.83 5.06
N CYS A 214 7.50 19.97 5.67
CA CYS A 214 6.77 21.03 4.99
C CYS A 214 7.63 21.80 4.02
N LEU A 215 6.97 22.51 3.11
CA LEU A 215 7.67 23.30 2.09
C LEU A 215 7.94 24.72 2.58
N GLN A 216 9.00 25.31 2.02
CA GLN A 216 9.52 26.56 2.53
C GLN A 216 8.87 27.83 1.93
N SER A 217 8.73 27.88 0.61
CA SER A 217 8.27 29.13 -0.03
C SER A 217 6.83 29.43 0.35
N PRO A 218 6.49 30.71 0.39
CA PRO A 218 5.11 31.13 0.72
C PRO A 218 4.10 30.50 -0.24
N GLU A 219 4.51 30.28 -1.48
CA GLU A 219 3.58 29.75 -2.47
C GLU A 219 3.36 28.26 -2.29
N ASN A 220 4.41 27.55 -1.89
CA ASN A 220 4.35 26.08 -1.71
C ASN A 220 3.90 25.62 -0.34
N ASP A 221 4.19 26.42 0.69
CA ASP A 221 3.88 26.03 2.05
C ASP A 221 2.38 25.85 2.22
N HIS A 222 1.95 24.69 2.71
CA HIS A 222 0.53 24.49 2.96
C HIS A 222 0.34 23.62 4.21
N CYS A 223 1.12 23.94 5.23
CA CYS A 223 1.03 23.30 6.54
C CYS A 223 0.35 24.20 7.56
N PHE A 224 -0.19 23.58 8.59
CA PHE A 224 -0.82 24.32 9.66
C PHE A 224 0.21 24.65 10.73
N PRO A 225 0.36 25.95 11.02
CA PRO A 225 1.36 26.45 11.99
C PRO A 225 0.95 26.17 13.45
N ASP A 226 -0.32 25.85 13.69
CA ASP A 226 -0.84 25.57 15.05
C ASP A 226 -2.03 24.64 15.03
N ALA A 227 -2.34 24.06 16.19
CA ALA A 227 -3.35 23.01 16.32
C ALA A 227 -4.76 23.49 15.93
N GLN A 228 -5.13 24.68 16.36
CA GLN A 228 -6.46 25.19 16.09
C GLN A 228 -6.71 25.36 14.59
N SER A 229 -5.67 25.72 13.84
CA SER A 229 -5.74 25.82 12.37
C SER A 229 -6.10 24.49 11.71
N ALA A 230 -5.48 23.42 12.17
CA ALA A 230 -5.78 22.10 11.67
C ALA A 230 -7.21 21.69 12.06
N ALA A 231 -7.63 22.06 13.26
CA ALA A 231 -8.99 21.76 13.73
C ALA A 231 -10.02 22.41 12.84
N ASP A 232 -9.76 23.67 12.47
CA ASP A 232 -10.65 24.43 11.61
C ASP A 232 -10.80 23.74 10.27
N TYR A 233 -9.70 23.27 9.71
CA TYR A 233 -9.74 22.61 8.41
C TYR A 233 -10.60 21.34 8.50
N LEU A 234 -10.41 20.58 9.57
CA LEU A 234 -11.21 19.39 9.78
C LEU A 234 -12.68 19.73 9.96
N GLY A 235 -12.95 20.82 10.67
CA GLY A 235 -14.31 21.28 10.87
C GLY A 235 -14.96 21.63 9.55
N ALA A 236 -14.19 22.24 8.67
CA ALA A 236 -14.67 22.61 7.34
C ALA A 236 -14.99 21.38 6.47
N LEU A 237 -14.11 20.38 6.51
CA LEU A 237 -14.34 19.14 5.79
C LEU A 237 -15.67 18.53 6.22
N SER A 238 -15.93 18.57 7.53
CA SER A 238 -17.19 18.06 8.04
C SER A 238 -18.38 18.93 7.63
N ALA A 239 -18.20 20.24 7.61
CA ALA A 239 -19.30 21.15 7.32
C ALA A 239 -19.83 20.99 5.90
N VAL A 240 -18.96 20.61 4.98
CA VAL A 240 -19.34 20.52 3.57
C VAL A 240 -19.48 19.05 3.14
N GLU A 241 -19.52 18.14 4.10
CA GLU A 241 -19.71 16.71 3.85
C GLU A 241 -18.62 16.14 2.95
N ARG A 242 -17.38 16.44 3.29
CA ARG A 242 -16.24 16.01 2.49
C ARG A 242 -15.30 15.12 3.29
N LEU A 243 -15.41 15.19 4.61
CA LEU A 243 -14.60 14.39 5.51
C LEU A 243 -14.89 12.89 5.35
N ASP A 244 -13.85 12.13 5.01
CA ASP A 244 -13.97 10.68 4.84
C ASP A 244 -13.01 9.99 5.80
N PHE A 245 -13.49 9.71 7.00
CA PHE A 245 -12.66 9.23 8.08
C PHE A 245 -13.47 8.20 8.85
N PRO A 246 -13.10 6.92 8.74
CA PRO A 246 -13.88 5.80 9.27
C PRO A 246 -13.81 5.67 10.80
N TYR A 247 -13.91 6.78 11.50
CA TYR A 247 -13.96 6.77 12.96
C TYR A 247 -15.06 7.73 13.44
N PRO A 248 -15.77 7.36 14.53
CA PRO A 248 -16.83 8.21 15.09
C PRO A 248 -16.22 9.46 15.76
N LEU A 249 -15.84 10.42 14.93
CA LEU A 249 -15.19 11.63 15.37
C LEU A 249 -16.22 12.67 15.75
N ARG A 250 -16.32 12.97 17.06
CA ARG A 250 -17.30 13.93 17.59
C ARG A 250 -16.87 15.39 17.48
N ASP A 251 -15.72 15.76 18.02
CA ASP A 251 -15.28 17.15 17.98
C ASP A 251 -13.76 17.28 17.87
N VAL A 252 -13.29 18.44 17.44
CA VAL A 252 -11.86 18.72 17.34
C VAL A 252 -11.61 20.13 17.84
N ARG A 253 -10.42 20.38 18.38
CA ARG A 253 -10.01 21.72 18.79
C ARG A 253 -8.51 21.81 19.01
N GLY A 254 -7.98 23.04 18.99
CA GLY A 254 -6.60 23.28 19.33
C GLY A 254 -6.54 23.88 20.72
N GLU A 255 -5.55 23.48 21.53
CA GLU A 255 -5.35 24.05 22.84
C GLU A 255 -3.90 24.48 22.96
N PRO A 256 -3.65 25.59 23.67
CA PRO A 256 -2.27 25.98 23.97
C PRO A 256 -1.72 25.15 25.12
N LEU A 257 -0.40 25.14 25.26
CA LEU A 257 0.22 24.49 26.40
C LEU A 257 1.16 25.49 27.08
N GLU A 258 1.22 25.44 28.40
CA GLU A 258 2.12 26.31 29.16
C GLU A 258 3.56 25.87 28.97
N PRO A 259 4.53 26.78 29.21
CA PRO A 259 5.92 26.36 29.06
C PRO A 259 6.41 25.59 30.29
N PRO A 260 7.46 24.76 30.14
CA PRO A 260 8.09 24.08 31.28
C PRO A 260 8.96 25.03 32.09
N CYS B 15 -4.18 -39.89 -25.62
CA CYS B 15 -3.89 -39.49 -24.25
C CYS B 15 -2.88 -40.43 -23.60
N GLY B 20 1.54 -34.09 -26.83
CA GLY B 20 2.06 -33.17 -27.83
C GLY B 20 0.98 -32.35 -28.52
N ASP B 21 -0.23 -32.47 -28.00
CA ASP B 21 -1.39 -31.72 -28.48
C ASP B 21 -1.20 -30.17 -28.50
N GLN B 22 -0.27 -29.64 -27.68
CA GLN B 22 -0.19 -28.17 -27.43
C GLN B 22 -1.49 -27.59 -26.81
N ARG B 23 -2.14 -28.40 -25.96
CA ARG B 23 -3.36 -28.07 -25.23
C ARG B 23 -3.50 -28.99 -23.99
N CYS B 24 -3.50 -28.34 -22.82
CA CYS B 24 -3.57 -29.04 -21.52
C CYS B 24 -4.91 -29.74 -21.31
N ASP B 25 -4.86 -31.06 -21.11
CA ASP B 25 -6.06 -31.86 -20.84
C ASP B 25 -5.96 -32.54 -19.48
N ARG B 26 -6.77 -32.12 -18.50
CA ARG B 26 -6.64 -32.62 -17.13
C ARG B 26 -6.91 -34.13 -17.07
N GLU B 27 -7.70 -34.61 -18.02
CA GLU B 27 -7.96 -36.03 -18.17
C GLU B 27 -6.71 -36.81 -18.55
N CYS B 28 -5.72 -36.13 -19.16
CA CYS B 28 -4.50 -36.80 -19.60
C CYS B 28 -3.29 -36.34 -18.79
N ASN B 29 -3.53 -35.45 -17.85
CA ASN B 29 -2.46 -34.88 -17.05
C ASN B 29 -2.10 -35.75 -15.84
N SER B 30 -1.31 -36.78 -16.07
CA SER B 30 -0.90 -37.66 -14.98
C SER B 30 0.55 -38.04 -15.16
N PRO B 31 1.22 -38.45 -14.07
CA PRO B 31 2.63 -38.86 -14.15
C PRO B 31 2.82 -40.01 -15.15
N GLY B 32 1.87 -40.93 -15.21
CA GLY B 32 1.95 -42.05 -16.13
C GLY B 32 1.96 -41.68 -17.60
N CYS B 33 1.35 -40.55 -17.96
CA CYS B 33 1.31 -40.11 -19.35
C CYS B 33 2.17 -38.87 -19.60
N GLY B 34 3.15 -38.63 -18.72
CA GLY B 34 4.10 -37.55 -18.91
C GLY B 34 3.47 -36.17 -18.99
N TRP B 35 2.40 -35.99 -18.21
CA TRP B 35 1.63 -34.75 -18.15
C TRP B 35 1.07 -34.27 -19.50
N ASP B 36 0.30 -35.13 -20.17
CA ASP B 36 -0.32 -34.86 -21.47
C ASP B 36 0.80 -34.47 -22.43
N GLY B 37 1.88 -35.23 -22.42
CA GLY B 37 3.01 -34.92 -23.26
C GLY B 37 3.63 -33.57 -22.98
N GLY B 38 3.50 -33.09 -21.74
CA GLY B 38 4.10 -31.81 -21.34
C GLY B 38 3.16 -30.62 -21.49
N ASP B 39 1.92 -30.88 -21.84
CA ASP B 39 0.93 -29.84 -22.03
C ASP B 39 0.54 -29.04 -20.84
N CYS B 40 0.62 -29.73 -19.72
CA CYS B 40 0.10 -29.20 -18.49
C CYS B 40 1.27 -28.89 -17.62
N SER B 41 2.46 -29.18 -18.13
CA SER B 41 3.68 -28.88 -17.38
C SER B 41 4.52 -27.84 -18.11
N LEU B 42 3.84 -26.94 -18.82
CA LEU B 42 4.45 -25.85 -19.57
C LEU B 42 5.54 -26.34 -20.52
N SER B 43 5.25 -27.46 -21.20
CA SER B 43 6.12 -28.06 -22.22
C SER B 43 7.36 -28.69 -21.61
N VAL B 44 7.43 -28.73 -20.28
CA VAL B 44 8.52 -29.42 -19.61
C VAL B 44 8.21 -30.90 -19.56
N GLY B 45 9.02 -31.70 -20.25
CA GLY B 45 8.80 -33.13 -20.34
C GLY B 45 8.70 -33.82 -18.99
N ASP B 46 9.74 -33.66 -18.18
CA ASP B 46 9.75 -34.25 -16.86
C ASP B 46 10.42 -33.33 -15.87
N PRO B 47 9.61 -32.62 -15.07
CA PRO B 47 10.12 -31.69 -14.06
C PRO B 47 11.03 -32.39 -13.04
N TRP B 48 10.81 -33.68 -12.84
CA TRP B 48 11.59 -34.45 -11.88
C TRP B 48 12.68 -35.26 -12.58
N ARG B 49 13.12 -34.78 -13.74
CA ARG B 49 14.15 -35.46 -14.53
C ARG B 49 15.43 -35.75 -13.75
N GLN B 50 15.86 -34.79 -12.93
CA GLN B 50 17.13 -34.88 -12.22
C GLN B 50 16.97 -35.41 -10.79
N CYS B 51 15.73 -35.63 -10.36
CA CYS B 51 15.45 -36.03 -8.98
C CYS B 51 15.97 -37.42 -8.65
N GLU B 52 16.72 -37.52 -7.56
CA GLU B 52 17.35 -38.77 -7.14
C GLU B 52 16.38 -39.71 -6.41
N ALA B 53 15.09 -39.35 -6.43
CA ALA B 53 14.05 -40.09 -5.72
C ALA B 53 12.78 -40.29 -6.56
N LEU B 54 12.11 -41.43 -6.36
CA LEU B 54 10.94 -41.79 -7.16
C LEU B 54 9.59 -41.31 -6.59
N GLN B 55 9.52 -41.10 -5.28
CA GLN B 55 8.25 -40.82 -4.61
C GLN B 55 7.88 -39.34 -4.57
N CYS B 56 8.72 -38.50 -5.17
CA CYS B 56 8.65 -37.06 -4.92
C CYS B 56 7.50 -36.33 -5.59
N TRP B 57 7.11 -36.76 -6.78
CA TRP B 57 6.01 -36.10 -7.49
C TRP B 57 4.72 -36.18 -6.69
N ARG B 58 4.63 -37.18 -5.82
CA ARG B 58 3.46 -37.38 -4.98
C ARG B 58 3.52 -36.56 -3.69
N LEU B 59 4.71 -36.07 -3.34
CA LEU B 59 4.89 -35.32 -2.10
C LEU B 59 5.08 -33.82 -2.35
N PHE B 60 5.09 -33.45 -3.62
CA PHE B 60 5.29 -32.07 -4.02
C PHE B 60 4.16 -31.14 -3.58
N ASN B 61 2.94 -31.64 -3.58
CA ASN B 61 1.75 -30.80 -3.42
C ASN B 61 1.08 -30.84 -2.04
N ASN B 62 1.73 -31.46 -1.06
CA ASN B 62 1.05 -31.74 0.21
C ASN B 62 1.22 -30.65 1.29
N SER B 63 1.93 -29.58 0.94
CA SER B 63 2.23 -28.49 1.88
C SER B 63 2.84 -29.00 3.19
N ARG B 64 3.61 -30.07 3.10
CA ARG B 64 4.28 -30.61 4.27
C ARG B 64 5.71 -31.02 3.90
N CYS B 65 6.64 -30.76 4.80
CA CYS B 65 8.05 -31.01 4.54
C CYS B 65 8.37 -32.49 4.37
N ASP B 66 8.86 -32.85 3.18
CA ASP B 66 9.35 -34.19 2.91
C ASP B 66 10.85 -34.12 2.57
N PRO B 67 11.70 -34.22 3.59
CA PRO B 67 13.15 -33.99 3.51
C PRO B 67 13.83 -34.77 2.39
N ALA B 68 13.32 -35.95 2.05
CA ALA B 68 13.93 -36.77 1.01
C ALA B 68 13.68 -36.20 -0.40
N CYS B 69 12.89 -35.14 -0.48
CA CYS B 69 12.60 -34.49 -1.75
C CYS B 69 12.98 -33.02 -1.73
N SER B 70 13.80 -32.63 -0.77
CA SER B 70 14.09 -31.22 -0.54
C SER B 70 15.32 -30.74 -1.30
N SER B 71 15.95 -31.64 -2.05
CA SER B 71 17.10 -31.27 -2.87
C SER B 71 16.67 -30.37 -4.01
N PRO B 72 17.60 -29.59 -4.56
CA PRO B 72 17.31 -28.77 -5.74
C PRO B 72 16.75 -29.60 -6.90
N ALA B 73 17.40 -30.73 -7.19
CA ALA B 73 17.01 -31.59 -8.31
C ALA B 73 15.60 -32.13 -8.14
N CYS B 74 15.15 -32.20 -6.88
CA CYS B 74 13.79 -32.63 -6.58
C CYS B 74 12.90 -31.41 -6.36
N LEU B 75 13.33 -30.27 -6.90
CA LEU B 75 12.54 -29.04 -6.91
C LEU B 75 12.15 -28.59 -5.49
N TYR B 76 13.02 -28.89 -4.53
CA TYR B 76 12.89 -28.38 -3.15
C TYR B 76 11.60 -28.77 -2.46
N ASP B 77 10.92 -29.80 -2.95
CA ASP B 77 9.63 -30.23 -2.39
C ASP B 77 8.67 -29.04 -2.31
N ASN B 78 8.67 -28.23 -3.37
CA ASN B 78 7.84 -27.01 -3.45
C ASN B 78 8.09 -26.08 -2.27
N PHE B 79 9.34 -26.03 -1.83
CA PHE B 79 9.75 -25.22 -0.69
C PHE B 79 9.00 -25.55 0.61
N ASP B 80 8.46 -26.76 0.72
CA ASP B 80 7.73 -27.17 1.92
C ASP B 80 8.64 -27.22 3.15
N CYS B 81 9.93 -27.40 2.93
CA CYS B 81 10.89 -27.48 4.03
C CYS B 81 11.61 -26.15 4.28
N HIS B 82 11.43 -25.19 3.38
CA HIS B 82 12.10 -23.90 3.52
C HIS B 82 11.12 -22.80 3.87
N ALA B 83 9.89 -22.95 3.40
CA ALA B 83 8.83 -21.99 3.70
C ALA B 83 7.55 -22.77 3.89
N GLY B 84 7.13 -22.92 5.13
CA GLY B 84 5.90 -23.65 5.40
C GLY B 84 4.87 -22.75 6.02
N GLY B 85 5.31 -21.87 6.91
CA GLY B 85 4.41 -20.97 7.58
C GLY B 85 3.90 -19.83 6.73
N ARG B 86 3.82 -18.65 7.33
CA ARG B 86 3.24 -17.48 6.70
C ARG B 86 4.12 -16.94 5.59
N GLU B 87 5.37 -17.38 5.57
CA GLU B 87 6.39 -16.89 4.65
C GLU B 87 6.40 -17.55 3.27
N ARG B 88 5.39 -18.38 2.97
CA ARG B 88 5.37 -19.12 1.72
C ARG B 88 4.82 -18.26 0.59
N THR B 89 3.88 -17.37 0.93
CA THR B 89 3.30 -16.49 -0.06
C THR B 89 3.23 -15.06 0.44
N CYS B 90 3.28 -14.13 -0.51
CA CYS B 90 3.11 -12.71 -0.22
C CYS B 90 1.67 -12.47 0.25
N ASN B 91 1.54 -11.73 1.35
CA ASN B 91 0.23 -11.42 1.91
C ASN B 91 -0.70 -10.85 0.84
N PRO B 92 -1.81 -11.57 0.57
CA PRO B 92 -2.81 -11.18 -0.44
C PRO B 92 -3.27 -9.75 -0.26
N VAL B 93 -3.28 -9.28 0.98
CA VAL B 93 -3.69 -7.92 1.27
C VAL B 93 -2.68 -6.90 0.72
N TYR B 94 -1.40 -7.26 0.68
CA TYR B 94 -0.35 -6.33 0.26
C TYR B 94 0.13 -6.58 -1.17
N GLU B 95 -0.32 -7.69 -1.75
CA GLU B 95 0.18 -8.16 -3.03
C GLU B 95 0.08 -7.11 -4.14
N LYS B 96 -1.06 -6.46 -4.25
CA LYS B 96 -1.24 -5.47 -5.31
C LYS B 96 -0.29 -4.29 -5.16
N TYR B 97 -0.09 -3.83 -3.94
CA TYR B 97 0.89 -2.79 -3.68
C TYR B 97 2.31 -3.21 -4.09
N CYS B 98 2.72 -4.41 -3.67
CA CYS B 98 4.08 -4.88 -3.95
C CYS B 98 4.31 -4.99 -5.45
N ALA B 99 3.31 -5.47 -6.17
CA ALA B 99 3.38 -5.63 -7.61
C ALA B 99 3.60 -4.29 -8.30
N ASP B 100 2.83 -3.28 -7.88
CA ASP B 100 2.90 -1.98 -8.50
C ASP B 100 4.21 -1.29 -8.18
N HIS B 101 4.80 -1.59 -7.03
CA HIS B 101 6.02 -0.87 -6.60
C HIS B 101 7.32 -1.67 -6.78
N PHE B 102 7.19 -2.84 -7.40
CA PHE B 102 8.31 -3.71 -7.74
C PHE B 102 9.26 -3.07 -8.75
N ALA B 103 10.55 -2.99 -8.40
CA ALA B 103 11.59 -2.42 -9.25
C ALA B 103 11.26 -1.03 -9.77
N ASP B 104 10.79 -0.15 -8.88
CA ASP B 104 10.48 1.22 -9.27
C ASP B 104 11.61 2.13 -8.83
N GLY B 105 12.68 1.52 -8.31
CA GLY B 105 13.88 2.24 -7.95
C GLY B 105 13.84 2.83 -6.55
N ARG B 106 12.75 2.57 -5.82
CA ARG B 106 12.60 3.09 -4.46
C ARG B 106 12.28 1.96 -3.52
N CYS B 107 12.94 1.96 -2.36
CA CYS B 107 12.83 0.82 -1.46
C CYS B 107 11.50 0.77 -0.72
N ASP B 108 10.80 -0.36 -0.85
CA ASP B 108 9.59 -0.61 -0.08
C ASP B 108 9.82 -1.79 0.86
N GLN B 109 10.25 -1.50 2.08
CA GLN B 109 10.66 -2.56 2.99
C GLN B 109 9.58 -3.62 3.25
N GLY B 110 8.31 -3.23 3.20
CA GLY B 110 7.22 -4.16 3.47
C GLY B 110 7.08 -5.23 2.40
N CYS B 111 7.65 -4.95 1.23
CA CYS B 111 7.66 -5.88 0.10
C CYS B 111 9.04 -6.53 -0.03
N ASN B 112 9.96 -6.15 0.86
CA ASN B 112 11.33 -6.64 0.79
C ASN B 112 11.52 -8.04 1.39
N THR B 113 10.85 -9.04 0.82
CA THR B 113 11.01 -10.45 1.22
C THR B 113 11.03 -11.35 -0.01
N GLU B 114 11.54 -12.57 0.11
CA GLU B 114 11.64 -13.41 -1.07
C GLU B 114 10.25 -13.86 -1.53
N GLU B 115 9.29 -13.92 -0.62
CA GLU B 115 7.95 -14.36 -1.02
C GLU B 115 7.17 -13.25 -1.70
N CYS B 116 7.69 -12.03 -1.63
CA CYS B 116 7.04 -10.89 -2.29
C CYS B 116 7.83 -10.39 -3.49
N GLY B 117 9.01 -10.96 -3.70
CA GLY B 117 9.81 -10.61 -4.86
C GLY B 117 10.96 -9.65 -4.58
N TRP B 118 11.30 -9.48 -3.30
CA TRP B 118 12.41 -8.62 -2.88
C TRP B 118 12.30 -7.16 -3.38
N ASP B 119 11.07 -6.68 -3.64
CA ASP B 119 10.83 -5.33 -4.18
C ASP B 119 11.64 -5.06 -5.43
N GLY B 120 11.92 -6.11 -6.21
CA GLY B 120 12.66 -5.97 -7.45
C GLY B 120 14.06 -5.47 -7.22
N LEU B 121 14.61 -5.80 -6.04
CA LEU B 121 15.96 -5.45 -5.63
C LEU B 121 16.14 -3.95 -5.39
N ASP B 122 15.03 -3.22 -5.18
CA ASP B 122 15.10 -1.78 -4.92
C ASP B 122 15.87 -1.49 -3.64
N CYS B 123 15.89 -2.45 -2.73
CA CYS B 123 16.50 -2.28 -1.39
C CYS B 123 17.90 -2.86 -1.28
N ALA B 124 18.42 -3.39 -2.39
CA ALA B 124 19.70 -4.07 -2.39
C ALA B 124 20.62 -3.60 -3.50
N SER B 125 20.60 -2.29 -3.76
CA SER B 125 21.35 -1.74 -4.89
C SER B 125 22.87 -1.79 -4.65
N GLU B 126 23.29 -1.98 -3.40
CA GLU B 126 24.71 -2.06 -3.09
C GLU B 126 25.23 -3.50 -3.14
N VAL B 127 24.30 -4.45 -3.26
CA VAL B 127 24.68 -5.86 -3.41
C VAL B 127 24.96 -6.20 -4.88
N PRO B 128 26.16 -6.69 -5.18
CA PRO B 128 26.54 -7.07 -6.54
C PRO B 128 25.59 -8.12 -7.16
N ALA B 129 25.20 -7.92 -8.43
CA ALA B 129 24.36 -8.90 -9.14
C ALA B 129 25.00 -10.28 -9.16
N LEU B 130 24.18 -11.32 -9.01
CA LEU B 130 24.68 -12.70 -9.00
C LEU B 130 23.74 -13.60 -9.78
N LEU B 131 23.93 -13.63 -11.09
CA LEU B 131 23.01 -14.31 -12.00
C LEU B 131 23.19 -15.81 -12.05
N ALA B 132 22.06 -16.52 -12.14
CA ALA B 132 22.04 -17.95 -12.40
C ALA B 132 22.43 -18.22 -13.85
N ARG B 133 22.88 -19.43 -14.13
CA ARG B 133 23.30 -19.80 -15.48
C ARG B 133 22.13 -19.76 -16.47
N GLY B 134 22.37 -19.20 -17.64
CA GLY B 134 21.42 -19.28 -18.74
C GLY B 134 20.34 -18.23 -18.70
N VAL B 135 19.35 -18.38 -19.58
CA VAL B 135 18.22 -17.44 -19.68
C VAL B 135 16.89 -18.19 -19.65
N LEU B 136 15.95 -17.70 -18.85
CA LEU B 136 14.61 -18.29 -18.77
C LEU B 136 13.69 -17.75 -19.86
N VAL B 137 13.19 -18.63 -20.72
CA VAL B 137 12.40 -18.20 -21.87
C VAL B 137 10.93 -18.58 -21.72
N LEU B 138 10.07 -17.57 -21.76
CA LEU B 138 8.63 -17.78 -21.60
C LEU B 138 7.84 -17.34 -22.81
N THR B 139 6.82 -18.11 -23.17
CA THR B 139 5.86 -17.69 -24.19
C THR B 139 4.53 -17.33 -23.53
N VAL B 140 4.11 -16.08 -23.70
CA VAL B 140 2.91 -15.58 -23.08
C VAL B 140 1.94 -15.07 -24.14
N LEU B 141 0.67 -15.48 -24.04
CA LEU B 141 -0.32 -15.10 -25.05
C LEU B 141 -0.83 -13.67 -24.84
N LEU B 142 0.11 -12.73 -24.80
CA LEU B 142 -0.18 -11.31 -24.78
C LEU B 142 0.79 -10.64 -25.75
N PRO B 143 0.30 -9.76 -26.63
CA PRO B 143 1.21 -9.04 -27.53
C PRO B 143 2.20 -8.20 -26.72
N PRO B 144 3.43 -8.00 -27.24
CA PRO B 144 4.53 -7.35 -26.52
C PRO B 144 4.18 -5.99 -25.91
N GLU B 145 3.49 -5.13 -26.64
CA GLU B 145 3.17 -3.80 -26.13
C GLU B 145 2.28 -3.90 -24.89
N GLU B 146 1.34 -4.84 -24.93
CA GLU B 146 0.38 -5.02 -23.83
C GLU B 146 1.06 -5.67 -22.62
N LEU B 147 1.98 -6.60 -22.91
CA LEU B 147 2.76 -7.29 -21.89
C LEU B 147 3.64 -6.28 -21.15
N LEU B 148 4.30 -5.42 -21.90
CA LEU B 148 5.20 -4.44 -21.30
C LEU B 148 4.44 -3.39 -20.50
N ARG B 149 3.15 -3.24 -20.78
CA ARG B 149 2.34 -2.26 -20.07
C ARG B 149 2.12 -2.67 -18.62
N SER B 150 2.38 -3.95 -18.33
CA SER B 150 2.28 -4.46 -16.97
C SER B 150 3.51 -5.30 -16.61
N SER B 151 4.70 -4.75 -16.87
CA SER B 151 5.94 -5.47 -16.61
C SER B 151 6.18 -5.72 -15.12
N ALA B 152 5.84 -4.75 -14.30
CA ALA B 152 6.07 -4.84 -12.86
C ALA B 152 5.25 -5.95 -12.24
N ASP B 153 3.96 -5.98 -12.55
CA ASP B 153 3.09 -7.03 -12.06
C ASP B 153 3.56 -8.42 -12.53
N PHE B 154 3.92 -8.51 -13.81
CA PHE B 154 4.37 -9.78 -14.40
C PHE B 154 5.63 -10.29 -13.71
N LEU B 155 6.63 -9.43 -13.58
CA LEU B 155 7.90 -9.82 -13.00
C LEU B 155 7.80 -10.08 -11.50
N GLN B 156 7.01 -9.25 -10.80
CA GLN B 156 6.85 -9.39 -9.35
C GLN B 156 6.21 -10.73 -9.00
N ARG B 157 5.16 -11.07 -9.72
CA ARG B 157 4.43 -12.30 -9.41
C ARG B 157 5.30 -13.50 -9.70
N LEU B 158 6.05 -13.42 -10.79
CA LEU B 158 6.90 -14.51 -11.20
C LEU B 158 8.09 -14.63 -10.24
N SER B 159 8.57 -13.49 -9.74
CA SER B 159 9.65 -13.48 -8.74
C SER B 159 9.19 -14.11 -7.42
N ALA B 160 7.98 -13.76 -6.99
CA ALA B 160 7.40 -14.28 -5.75
C ALA B 160 7.27 -15.78 -5.80
N ILE B 161 6.83 -16.28 -6.95
CA ILE B 161 6.65 -17.71 -7.14
C ILE B 161 7.99 -18.44 -7.05
N LEU B 162 9.01 -17.87 -7.68
CA LEU B 162 10.34 -18.48 -7.73
C LEU B 162 11.18 -18.15 -6.51
N ARG B 163 10.67 -17.26 -5.66
CA ARG B 163 11.36 -16.86 -4.45
C ARG B 163 12.79 -16.38 -4.73
N THR B 164 12.92 -15.60 -5.78
CA THR B 164 14.18 -14.99 -6.18
C THR B 164 13.86 -13.83 -7.12
N SER B 165 14.87 -13.14 -7.63
CA SER B 165 14.61 -11.92 -8.41
C SER B 165 14.71 -12.14 -9.93
N LEU B 166 13.69 -11.67 -10.65
CA LEU B 166 13.61 -11.84 -12.11
C LEU B 166 13.63 -10.50 -12.83
N ARG B 167 14.23 -10.44 -14.01
CA ARG B 167 14.20 -9.21 -14.77
C ARG B 167 14.31 -9.51 -16.27
N PHE B 168 13.84 -8.58 -17.10
CA PHE B 168 14.01 -8.69 -18.54
C PHE B 168 15.49 -8.67 -18.94
N ARG B 169 15.85 -9.50 -19.91
CA ARG B 169 17.19 -9.44 -20.48
C ARG B 169 17.23 -8.24 -21.40
N LEU B 170 18.32 -7.50 -21.43
CA LEU B 170 18.37 -6.34 -22.29
C LEU B 170 19.27 -6.60 -23.49
N ASP B 171 18.97 -5.93 -24.61
CA ASP B 171 19.79 -6.03 -25.82
C ASP B 171 20.91 -4.98 -25.80
N ALA B 172 21.58 -4.81 -26.93
CA ALA B 172 22.73 -3.91 -26.99
C ALA B 172 22.33 -2.45 -26.75
N HIS B 173 21.05 -2.14 -26.96
CA HIS B 173 20.56 -0.78 -26.74
C HIS B 173 19.77 -0.67 -25.43
N GLY B 174 19.96 -1.65 -24.55
CA GLY B 174 19.33 -1.62 -23.23
C GLY B 174 17.82 -1.85 -23.21
N GLN B 175 17.28 -2.35 -24.31
CA GLN B 175 15.84 -2.60 -24.41
C GLN B 175 15.46 -4.02 -24.02
N ALA B 176 14.33 -4.18 -23.34
CA ALA B 176 13.86 -5.49 -22.93
C ALA B 176 13.65 -6.40 -24.14
N MET B 177 14.16 -7.61 -24.04
CA MET B 177 14.04 -8.59 -25.11
C MET B 177 12.71 -9.36 -25.09
N VAL B 178 11.65 -8.67 -25.52
CA VAL B 178 10.32 -9.26 -25.63
C VAL B 178 9.90 -9.24 -27.10
N PHE B 179 9.77 -10.42 -27.70
CA PHE B 179 9.56 -10.52 -29.13
C PHE B 179 8.15 -11.00 -29.47
N PRO B 180 7.61 -10.53 -30.61
CA PRO B 180 6.27 -10.91 -31.05
C PRO B 180 6.15 -12.41 -31.31
N TYR B 181 5.00 -12.98 -30.96
CA TYR B 181 4.75 -14.39 -31.21
C TYR B 181 3.64 -14.52 -32.24
N HIS B 182 3.90 -15.28 -33.29
CA HIS B 182 2.97 -15.38 -34.41
C HIS B 182 2.18 -16.69 -34.41
N ARG B 183 0.95 -16.65 -34.92
CA ARG B 183 0.12 -17.84 -35.09
C ARG B 183 0.81 -18.84 -36.02
N GLU B 199 -1.15 -13.43 -37.03
CA GLU B 199 0.09 -12.77 -36.68
C GLU B 199 -0.09 -12.01 -35.37
N VAL B 200 0.95 -11.99 -34.55
CA VAL B 200 0.98 -11.33 -33.24
C VAL B 200 -0.11 -11.84 -32.30
N ILE B 201 0.09 -13.06 -31.81
CA ILE B 201 -0.86 -13.73 -30.95
C ILE B 201 -0.41 -13.60 -29.50
N GLY B 202 0.90 -13.44 -29.30
CA GLY B 202 1.49 -13.31 -27.97
C GLY B 202 2.92 -12.77 -27.96
N SER B 203 3.68 -13.15 -26.92
CA SER B 203 5.06 -12.68 -26.74
C SER B 203 6.03 -13.81 -26.40
N VAL B 204 7.25 -13.71 -26.92
CA VAL B 204 8.34 -14.53 -26.41
C VAL B 204 9.22 -13.68 -25.49
N VAL B 205 9.25 -14.02 -24.20
CA VAL B 205 9.93 -13.20 -23.21
C VAL B 205 11.18 -13.87 -22.68
N MET B 206 12.28 -13.13 -22.64
CA MET B 206 13.52 -13.67 -22.10
C MET B 206 13.87 -13.03 -20.75
N LEU B 207 14.11 -13.87 -19.74
CA LEU B 207 14.35 -13.37 -18.39
C LEU B 207 15.68 -13.85 -17.81
N GLU B 208 16.22 -13.04 -16.92
CA GLU B 208 17.38 -13.39 -16.13
C GLU B 208 17.02 -13.61 -14.66
N ILE B 209 17.78 -14.47 -13.98
CA ILE B 209 17.58 -14.75 -12.56
C ILE B 209 18.71 -14.21 -11.71
N ASP B 210 18.42 -13.18 -10.92
CA ASP B 210 19.43 -12.59 -10.07
C ASP B 210 19.34 -13.20 -8.68
N ASN B 211 20.31 -14.03 -8.33
CA ASN B 211 20.27 -14.71 -7.03
C ASN B 211 21.13 -14.03 -5.98
N ARG B 212 21.32 -12.72 -6.10
CA ARG B 212 22.21 -12.00 -5.18
C ARG B 212 21.69 -12.01 -3.75
N LEU B 213 20.40 -12.27 -3.56
CA LEU B 213 19.85 -12.28 -2.20
C LEU B 213 19.53 -13.70 -1.72
N CYS B 214 19.95 -14.71 -2.48
CA CYS B 214 19.74 -16.12 -2.11
C CYS B 214 20.81 -16.71 -1.20
N LEU B 215 20.71 -16.50 0.11
CA LEU B 215 21.61 -17.17 1.04
C LEU B 215 20.94 -18.38 1.68
N ASP B 221 19.50 -24.90 1.10
CA ASP B 221 19.30 -24.76 -0.34
C ASP B 221 17.88 -24.35 -0.69
N HIS B 222 17.74 -23.24 -1.41
CA HIS B 222 16.43 -22.86 -1.92
C HIS B 222 16.45 -21.98 -3.18
N CYS B 223 17.63 -21.81 -3.78
CA CYS B 223 17.72 -21.06 -5.03
C CYS B 223 18.02 -21.96 -6.24
N PHE B 224 17.60 -21.52 -7.42
CA PHE B 224 17.86 -22.26 -8.64
C PHE B 224 19.18 -21.81 -9.25
N PRO B 225 20.10 -22.77 -9.48
CA PRO B 225 21.41 -22.40 -10.03
C PRO B 225 21.37 -22.07 -11.52
N ASP B 226 20.30 -22.45 -12.20
CA ASP B 226 20.21 -22.22 -13.64
C ASP B 226 18.77 -22.07 -14.13
N ALA B 227 18.63 -21.56 -15.35
CA ALA B 227 17.32 -21.22 -15.91
C ALA B 227 16.40 -22.43 -16.10
N GLN B 228 16.98 -23.55 -16.54
CA GLN B 228 16.17 -24.73 -16.80
C GLN B 228 15.52 -25.30 -15.53
N SER B 229 16.25 -25.23 -14.42
CA SER B 229 15.73 -25.69 -13.13
C SER B 229 14.50 -24.91 -12.70
N ALA B 230 14.53 -23.59 -12.89
CA ALA B 230 13.40 -22.76 -12.56
C ALA B 230 12.24 -23.07 -13.49
N ALA B 231 12.55 -23.31 -14.76
CA ALA B 231 11.51 -23.69 -15.72
C ALA B 231 10.85 -24.99 -15.29
N ASP B 232 11.67 -25.94 -14.84
CA ASP B 232 11.17 -27.23 -14.39
C ASP B 232 10.21 -27.05 -13.22
N TYR B 233 10.61 -26.22 -12.26
CA TYR B 233 9.81 -25.99 -11.08
C TYR B 233 8.47 -25.37 -11.44
N LEU B 234 8.49 -24.42 -12.36
CA LEU B 234 7.26 -23.81 -12.85
C LEU B 234 6.40 -24.85 -13.55
N GLY B 235 7.04 -25.71 -14.33
CA GLY B 235 6.37 -26.78 -15.02
C GLY B 235 5.73 -27.73 -14.04
N ALA B 236 6.42 -27.96 -12.92
CA ALA B 236 5.91 -28.84 -11.87
C ALA B 236 4.67 -28.24 -11.21
N LEU B 237 4.73 -26.94 -10.92
CA LEU B 237 3.60 -26.23 -10.33
C LEU B 237 2.36 -26.33 -11.22
N SER B 238 2.56 -26.17 -12.52
CA SER B 238 1.48 -26.25 -13.48
C SER B 238 0.93 -27.68 -13.58
N ALA B 239 1.82 -28.67 -13.46
CA ALA B 239 1.42 -30.06 -13.58
C ALA B 239 0.48 -30.46 -12.45
N VAL B 240 0.66 -29.86 -11.27
CA VAL B 240 -0.14 -30.20 -10.10
C VAL B 240 -1.15 -29.11 -9.77
N GLU B 241 -1.34 -28.18 -10.70
CA GLU B 241 -2.32 -27.10 -10.57
C GLU B 241 -2.13 -26.32 -9.29
N ARG B 242 -0.90 -25.88 -9.08
CA ARG B 242 -0.49 -25.17 -7.88
C ARG B 242 -0.03 -23.78 -8.31
N LEU B 243 0.29 -23.68 -9.59
CA LEU B 243 0.70 -22.42 -10.19
C LEU B 243 -0.43 -21.41 -10.24
N ASP B 244 -0.22 -20.26 -9.61
CA ASP B 244 -1.22 -19.20 -9.62
C ASP B 244 -0.63 -17.94 -10.23
N PHE B 245 -0.79 -17.80 -11.54
CA PHE B 245 -0.13 -16.76 -12.31
C PHE B 245 -1.11 -16.22 -13.35
N PRO B 246 -1.60 -14.99 -13.14
CA PRO B 246 -2.69 -14.40 -13.93
C PRO B 246 -2.26 -13.98 -15.32
N TYR B 247 -1.45 -14.79 -15.99
CA TYR B 247 -1.04 -14.50 -17.35
C TYR B 247 -1.15 -15.75 -18.20
N PRO B 248 -1.55 -15.59 -19.46
CA PRO B 248 -1.65 -16.77 -20.35
C PRO B 248 -0.27 -17.34 -20.66
N LEU B 249 0.28 -18.08 -19.71
CA LEU B 249 1.63 -18.64 -19.85
C LEU B 249 1.59 -19.99 -20.58
N ARG B 250 2.19 -20.00 -21.77
CA ARG B 250 2.19 -21.17 -22.65
C ARG B 250 3.24 -22.21 -22.29
N ASP B 251 4.50 -21.80 -22.35
CA ASP B 251 5.62 -22.70 -22.10
C ASP B 251 6.79 -22.01 -21.43
N VAL B 252 7.67 -22.81 -20.84
CA VAL B 252 8.89 -22.33 -20.21
C VAL B 252 10.07 -23.22 -20.57
N ARG B 253 11.27 -22.64 -20.64
CA ARG B 253 12.46 -23.43 -20.90
C ARG B 253 13.72 -22.66 -20.53
N GLY B 254 14.83 -23.38 -20.40
CA GLY B 254 16.11 -22.76 -20.18
C GLY B 254 16.98 -22.75 -21.42
N GLU B 255 17.67 -21.65 -21.65
CA GLU B 255 18.60 -21.54 -22.77
C GLU B 255 19.93 -20.99 -22.26
N PRO B 256 21.04 -21.42 -22.88
CA PRO B 256 22.35 -20.86 -22.51
C PRO B 256 22.70 -19.63 -23.37
C1 NAG C . -18.68 17.99 -1.39
C2 NAG C . -20.15 17.65 -1.42
C3 NAG C . -20.32 16.15 -1.16
C4 NAG C . -19.51 15.33 -2.16
C5 NAG C . -18.07 15.81 -2.25
C6 NAG C . -17.37 15.21 -3.46
C7 NAG C . -22.13 18.87 -0.58
C8 NAG C . -22.78 18.56 -1.89
N2 NAG C . -20.88 18.41 -0.42
O3 NAG C . -21.69 15.79 -1.26
O4 NAG C . -19.46 13.99 -1.67
O5 NAG C . -17.99 17.23 -2.40
O6 NAG C . -16.06 15.71 -3.66
O7 NAG C . -22.71 19.51 0.29
C1 NAG C . -19.92 13.02 -2.60
C2 NAG C . -19.49 11.67 -2.05
C3 NAG C . -19.99 10.55 -2.96
C4 NAG C . -21.49 10.71 -3.24
C5 NAG C . -21.81 12.14 -3.68
C6 NAG C . -23.29 12.39 -3.82
C7 NAG C . -17.43 11.74 -0.73
C8 NAG C . -15.93 11.65 -0.74
N2 NAG C . -18.05 11.59 -1.90
O3 NAG C . -19.75 9.30 -2.33
O4 NAG C . -21.86 9.86 -4.31
O5 NAG C . -21.31 13.07 -2.71
O6 NAG C . -23.81 13.09 -2.69
O7 NAG C . -18.06 11.96 0.31
C1 MAN C . -22.36 8.59 -3.86
C2 MAN C . -22.84 7.94 -5.16
C3 MAN C . -24.15 7.21 -4.94
C4 MAN C . -24.16 6.48 -3.61
C5 MAN C . -24.19 7.52 -2.48
C6 MAN C . -23.74 6.93 -1.14
O2 MAN C . -21.90 6.98 -5.63
O3 MAN C . -24.43 6.30 -6.00
O4 MAN C . -25.32 5.66 -3.49
O5 MAN C . -23.38 8.72 -2.84
O6 MAN C . -23.41 7.95 -0.21
C1 MAN C . -22.87 7.30 0.96
C2 MAN C . -22.45 8.40 1.99
C3 MAN C . -21.14 9.08 1.58
C4 MAN C . -20.05 8.02 1.32
C5 MAN C . -20.52 7.09 0.20
C6 MAN C . -19.51 6.01 -0.22
O2 MAN C . -22.19 7.83 3.27
O3 MAN C . -20.72 10.05 2.53
O4 MAN C . -18.85 8.67 0.96
O5 MAN C . -21.76 6.43 0.60
O6 MAN C . -18.73 5.63 0.91
CA CA D . -28.15 19.71 15.68
CA CA E . -11.66 25.23 -4.70
CA CA F . 6.82 1.96 7.08
C1 GOL G . 10.65 23.02 0.27
O1 GOL G . 10.96 22.81 1.64
C2 GOL G . 11.32 24.23 -0.37
O2 GOL G . 12.73 24.08 -0.51
C3 GOL G . 10.64 24.52 -1.71
O3 GOL G . 9.54 25.41 -1.52
C1 GOL H . -10.27 15.91 1.57
O1 GOL H . -10.95 15.99 0.34
C2 GOL H . -10.26 14.46 2.06
O2 GOL H . -8.94 14.09 2.37
C3 GOL H . -11.17 14.32 3.30
O3 GOL H . -11.25 12.99 3.77
C ACT I . -3.38 26.80 19.17
O ACT I . -3.85 27.28 18.11
OXT ACT I . -3.60 25.58 19.32
CH3 ACT I . -2.60 27.61 20.17
C ACT J . 2.96 18.17 -3.09
O ACT J . 3.95 17.76 -3.74
OXT ACT J . 2.02 17.37 -2.92
CH3 ACT J . 2.92 19.57 -2.53
CA CA K . -3.41 -32.63 -24.74
CA CA L . 6.10 -31.86 0.45
CA CA M . 10.00 -0.53 -4.77
C1 NAG N . -2.57 -29.51 -5.30
C2 NAG N . -3.66 -30.19 -6.12
C3 NAG N . -4.65 -29.15 -6.64
C4 NAG N . -5.18 -28.30 -5.48
C5 NAG N . -4.03 -27.74 -4.63
C6 NAG N . -4.52 -27.04 -3.39
C7 NAG N . -3.65 -32.09 -7.66
C8 NAG N . -2.95 -32.77 -8.80
N2 NAG N . -3.11 -30.96 -7.21
O3 NAG N . -5.72 -29.79 -7.31
O4 NAG N . -5.97 -27.23 -5.98
O5 NAG N . -3.16 -28.80 -4.21
O6 NAG N . -5.93 -27.16 -3.26
O7 NAG N . -4.69 -32.55 -7.16
C1 GOL O . 17.64 -6.99 0.84
O1 GOL O . 17.00 -6.48 -0.30
C2 GOL O . 18.36 -5.86 1.56
O2 GOL O . 18.03 -5.91 2.93
C3 GOL O . 19.87 -6.02 1.41
O3 GOL O . 20.51 -4.83 1.81
#